data_6HMQ
#
_entry.id   6HMQ
#
_cell.length_a   46.140
_cell.length_b   47.220
_cell.length_c   50.290
_cell.angle_alpha   113.47
_cell.angle_beta   90.76
_cell.angle_gamma   90.27
#
_symmetry.space_group_name_H-M   'P 1'
#
loop_
_entity.id
_entity.type
_entity.pdbx_description
1 polymer "Casein kinase II subunit alpha'"
2 non-polymer 2-AMINO-2-HYDROXYMETHYL-PROPANE-1,3-DIOL
3 non-polymer 1,2-ETHANEDIOL
4 non-polymer 'CHLORIDE ION'
5 non-polymer 'SODIUM ION'
6 non-polymer 3-(4,5,6,7-tetrabromo-1H-benzotriazol-1-yl)propan-1-ol
7 water water
#
_entity_poly.entity_id   1
_entity_poly.type   'polypeptide(L)'
_entity_poly.pdbx_seq_one_letter_code
;MGSSHHHHHHSQDPMPGPAAGSRARVYAEVNSLRSREYWDYEAHVPSWGNQDDYQLVRKLGRGKYSEVFEAINITNNERV
VVKILKPVKKKKIKREVKILENLRGGTNIIKLIDTVKDPVSKTPALVFEYINNTDFKQLYQILTDFDIRFYMYELLKALD
YCHSKGIMHRDVKPHNVMIDHQQKKLRLIDWGLAEFYHPAQEYNVRVASRYFKGPELLVDYQMYDYSLDMWSLGCMLASM
IFRREPFFHGQDNYDQLVRIAKVLGTEELYGYLKKYHIDLDPHFNDILGQHSRKRWENFIHSENRHLVSPEALDLLDKLL
RYDHQQRLTAKEAMEHPYFYPVVKEQSQPSADNAVLSSGLTAAR
;
_entity_poly.pdbx_strand_id   A
#
# COMPACT_ATOMS: atom_id res chain seq x y z
N GLY A 21 -13.60 4.59 18.76
CA GLY A 21 -14.68 3.72 18.36
C GLY A 21 -14.83 3.67 16.85
N SER A 22 -14.00 2.86 16.21
CA SER A 22 -14.06 2.66 14.77
C SER A 22 -13.67 1.22 14.49
N ARG A 23 -14.30 0.63 13.48
N ARG A 23 -14.30 0.66 13.44
CA ARG A 23 -13.92 -0.69 13.00
CA ARG A 23 -14.06 -0.71 12.99
C ARG A 23 -14.04 -0.72 11.49
C ARG A 23 -14.04 -0.70 11.47
N ALA A 24 -13.27 -1.62 10.90
CA ALA A 24 -13.35 -1.89 9.46
C ALA A 24 -14.76 -2.32 9.08
N ARG A 25 -15.22 -1.90 7.88
CA ARG A 25 -16.51 -2.35 7.35
C ARG A 25 -16.44 -3.74 6.73
N VAL A 26 -15.24 -4.23 6.44
CA VAL A 26 -15.04 -5.52 5.82
C VAL A 26 -13.92 -6.21 6.57
N TYR A 27 -14.02 -7.53 6.64
N TYR A 27 -14.01 -7.54 6.63
CA TYR A 27 -12.92 -8.35 7.13
CA TYR A 27 -12.94 -8.39 7.20
C TYR A 27 -12.58 -7.99 8.59
C TYR A 27 -12.58 -7.97 8.61
N ALA A 28 -13.56 -7.47 9.35
CA ALA A 28 -13.24 -6.94 10.67
C ALA A 28 -12.83 -8.04 11.62
N GLU A 29 -13.54 -9.17 11.58
CA GLU A 29 -13.33 -10.24 12.53
C GLU A 29 -12.55 -11.39 11.94
N VAL A 30 -12.01 -11.27 10.72
N VAL A 30 -11.96 -11.24 10.76
CA VAL A 30 -11.45 -12.46 10.10
CA VAL A 30 -11.45 -12.40 10.08
C VAL A 30 -10.34 -13.07 10.96
C VAL A 30 -10.29 -13.04 10.84
N ASN A 31 -9.46 -12.25 11.54
CA ASN A 31 -8.40 -12.87 12.32
C ASN A 31 -8.95 -13.53 13.57
N SER A 32 -9.92 -12.93 14.24
N SER A 32 -9.92 -12.89 14.22
CA SER A 32 -10.46 -13.58 15.43
CA SER A 32 -10.57 -13.47 15.39
C SER A 32 -11.18 -14.88 15.09
C SER A 32 -11.16 -14.84 15.08
N LEU A 33 -11.65 -15.04 13.85
CA LEU A 33 -12.29 -16.25 13.41
C LEU A 33 -11.33 -17.31 12.94
N ARG A 34 -10.05 -17.01 12.87
CA ARG A 34 -9.02 -17.97 12.50
C ARG A 34 -8.31 -18.49 13.74
N SER A 35 -7.60 -19.59 13.56
CA SER A 35 -6.72 -20.09 14.60
C SER A 35 -5.75 -19.02 15.07
N ARG A 36 -5.47 -18.99 16.38
CA ARG A 36 -4.52 -18.03 16.89
C ARG A 36 -3.19 -18.12 16.18
N GLU A 37 -2.75 -19.32 15.81
CA GLU A 37 -1.45 -19.45 15.14
C GLU A 37 -1.39 -18.65 13.86
N TYR A 38 -2.52 -18.36 13.22
CA TYR A 38 -2.52 -17.57 11.99
C TYR A 38 -1.93 -16.19 12.22
N TRP A 39 -2.33 -15.52 13.30
CA TRP A 39 -1.98 -14.14 13.54
C TRP A 39 -0.96 -13.94 14.66
N ASP A 40 -0.67 -14.95 15.45
CA ASP A 40 0.29 -14.84 16.56
C ASP A 40 1.70 -15.06 16.00
N TYR A 41 2.18 -14.05 15.29
CA TYR A 41 3.44 -14.17 14.56
CA TYR A 41 3.43 -14.20 14.57
C TYR A 41 4.62 -14.34 15.51
N GLU A 42 4.52 -13.85 16.74
CA GLU A 42 5.65 -14.00 17.65
C GLU A 42 5.91 -15.47 17.97
N ALA A 43 4.89 -16.31 17.83
CA ALA A 43 4.99 -17.74 18.05
C ALA A 43 5.39 -18.51 16.80
N HIS A 44 5.51 -17.84 15.66
CA HIS A 44 5.84 -18.54 14.44
C HIS A 44 7.30 -18.96 14.43
N VAL A 45 7.56 -20.16 13.93
CA VAL A 45 8.91 -20.67 13.81
C VAL A 45 9.19 -20.93 12.33
N PRO A 46 9.87 -20.01 11.67
CA PRO A 46 10.18 -20.23 10.25
C PRO A 46 11.12 -21.40 10.06
N SER A 47 11.09 -21.96 8.86
N SER A 47 11.12 -21.92 8.83
CA SER A 47 12.08 -22.93 8.40
CA SER A 47 12.08 -22.94 8.39
C SER A 47 13.09 -22.17 7.55
C SER A 47 13.11 -22.25 7.51
N TRP A 48 14.32 -22.06 8.03
CA TRP A 48 15.34 -21.27 7.37
C TRP A 48 16.19 -22.16 6.48
N GLY A 49 16.09 -21.96 5.16
CA GLY A 49 16.92 -22.63 4.19
C GLY A 49 18.29 -21.98 4.09
N ASN A 50 19.07 -22.44 3.11
CA ASN A 50 20.49 -22.12 3.02
C ASN A 50 20.71 -21.04 1.97
N GLN A 51 21.21 -19.89 2.39
CA GLN A 51 21.47 -18.81 1.44
C GLN A 51 22.60 -19.15 0.48
N ASP A 52 23.43 -20.15 0.78
CA ASP A 52 24.54 -20.49 -0.10
C ASP A 52 24.08 -20.95 -1.47
N ASP A 53 22.80 -21.28 -1.66
CA ASP A 53 22.29 -21.60 -2.99
C ASP A 53 22.15 -20.38 -3.89
N TYR A 54 22.37 -19.18 -3.40
CA TYR A 54 22.10 -17.96 -4.17
C TYR A 54 23.39 -17.18 -4.41
N GLN A 55 23.53 -16.69 -5.63
CA GLN A 55 24.62 -15.83 -6.06
C GLN A 55 24.06 -14.43 -6.28
N LEU A 56 24.56 -13.45 -5.52
CA LEU A 56 24.13 -12.07 -5.71
C LEU A 56 24.75 -11.51 -6.97
N VAL A 57 23.95 -10.80 -7.77
N VAL A 57 23.93 -10.80 -7.76
CA VAL A 57 24.46 -10.26 -9.04
CA VAL A 57 24.31 -10.28 -9.06
C VAL A 57 24.38 -8.75 -9.17
C VAL A 57 24.47 -8.76 -9.03
N ARG A 58 23.49 -8.06 -8.45
CA ARG A 58 23.41 -6.61 -8.53
C ARG A 58 22.60 -6.08 -7.36
N LYS A 59 23.01 -4.96 -6.80
CA LYS A 59 22.22 -4.29 -5.77
C LYS A 59 21.06 -3.53 -6.43
N LEU A 60 19.85 -3.75 -5.93
CA LEU A 60 18.68 -3.05 -6.43
C LEU A 60 18.24 -1.91 -5.55
N GLY A 61 18.54 -1.95 -4.26
CA GLY A 61 18.10 -0.89 -3.37
C GLY A 61 18.48 -1.18 -1.94
N ARG A 62 18.22 -0.19 -1.11
CA ARG A 62 18.50 -0.27 0.32
C ARG A 62 17.49 0.58 1.03
N GLY A 63 17.06 0.11 2.20
CA GLY A 63 16.18 0.86 3.07
C GLY A 63 16.68 0.78 4.50
N LYS A 64 15.90 1.34 5.40
CA LYS A 64 16.31 1.32 6.81
C LYS A 64 16.39 -0.09 7.34
N TYR A 65 15.66 -1.04 6.75
CA TYR A 65 15.53 -2.38 7.31
C TYR A 65 16.12 -3.48 6.44
N SER A 66 16.55 -3.18 5.23
CA SER A 66 16.97 -4.26 4.36
C SER A 66 17.86 -3.71 3.28
N GLU A 67 18.52 -4.62 2.60
CA GLU A 67 19.11 -4.35 1.31
C GLU A 67 18.66 -5.45 0.38
N VAL A 68 18.47 -5.05 -0.86
CA VAL A 68 17.85 -5.91 -1.84
C VAL A 68 18.78 -6.09 -3.03
N PHE A 69 18.95 -7.33 -3.44
CA PHE A 69 19.84 -7.72 -4.54
C PHE A 69 19.08 -8.58 -5.54
N GLU A 70 19.34 -8.35 -6.81
CA GLU A 70 19.06 -9.36 -7.81
C GLU A 70 20.05 -10.50 -7.63
N ALA A 71 19.58 -11.74 -7.84
CA ALA A 71 20.41 -12.91 -7.58
C ALA A 71 20.00 -14.04 -8.50
N ILE A 72 20.86 -15.06 -8.55
N ILE A 72 20.82 -15.08 -8.53
CA ILE A 72 20.60 -16.31 -9.25
CA ILE A 72 20.54 -16.29 -9.27
C ILE A 72 20.61 -17.43 -8.21
C ILE A 72 20.67 -17.47 -8.32
N ASN A 73 19.67 -18.36 -8.32
CA ASN A 73 19.79 -19.62 -7.61
C ASN A 73 20.72 -20.52 -8.41
N ILE A 74 21.88 -20.85 -7.85
CA ILE A 74 22.89 -21.57 -8.60
C ILE A 74 22.52 -23.03 -8.87
N THR A 75 21.53 -23.55 -8.15
CA THR A 75 21.10 -24.93 -8.33
C THR A 75 20.14 -25.11 -9.50
N ASN A 76 19.42 -24.06 -9.92
CA ASN A 76 18.45 -24.19 -10.99
C ASN A 76 18.43 -23.00 -11.94
N ASN A 77 19.34 -22.04 -11.75
CA ASN A 77 19.46 -20.87 -12.61
C ASN A 77 18.27 -19.91 -12.57
N GLU A 78 17.42 -19.99 -11.56
CA GLU A 78 16.30 -19.06 -11.46
C GLU A 78 16.81 -17.69 -11.03
N ARG A 79 16.38 -16.64 -11.73
CA ARG A 79 16.64 -15.28 -11.29
C ARG A 79 15.62 -14.90 -10.23
N VAL A 80 16.09 -14.32 -9.15
CA VAL A 80 15.30 -14.00 -7.99
C VAL A 80 15.75 -12.67 -7.43
N VAL A 81 15.08 -12.22 -6.39
CA VAL A 81 15.49 -11.06 -5.61
C VAL A 81 15.68 -11.52 -4.17
N VAL A 82 16.81 -11.15 -3.58
CA VAL A 82 17.14 -11.50 -2.20
C VAL A 82 17.11 -10.22 -1.37
N LYS A 83 16.29 -10.22 -0.34
CA LYS A 83 16.17 -9.12 0.60
C LYS A 83 16.85 -9.54 1.91
N ILE A 84 18.01 -8.97 2.17
CA ILE A 84 18.81 -9.31 3.34
C ILE A 84 18.36 -8.39 4.45
N LEU A 85 17.90 -8.96 5.54
CA LEU A 85 17.26 -8.18 6.59
C LEU A 85 18.30 -7.68 7.57
N LYS A 86 18.30 -6.35 7.80
CA LYS A 86 19.23 -5.72 8.72
C LYS A 86 18.79 -5.95 10.17
N PRO A 87 19.68 -5.73 11.14
CA PRO A 87 19.35 -6.07 12.53
C PRO A 87 18.11 -5.32 12.99
N VAL A 88 17.13 -6.08 13.43
CA VAL A 88 15.89 -5.57 13.96
C VAL A 88 15.44 -6.59 15.00
N LYS A 89 14.47 -6.20 15.82
CA LYS A 89 13.89 -7.19 16.72
C LYS A 89 13.43 -8.38 15.89
N LYS A 90 13.81 -9.57 16.34
CA LYS A 90 13.35 -10.78 15.71
C LYS A 90 11.85 -10.76 15.52
N LYS A 91 11.14 -9.96 16.34
CA LYS A 91 9.68 -9.91 16.26
C LYS A 91 9.23 -9.38 14.90
N LYS A 92 9.88 -8.32 14.40
CA LYS A 92 9.51 -7.74 13.12
C LYS A 92 9.81 -8.70 11.97
N ILE A 93 10.90 -9.50 12.09
CA ILE A 93 11.20 -10.52 11.09
C ILE A 93 10.12 -11.57 11.07
N LYS A 94 9.75 -12.09 12.25
CA LYS A 94 8.68 -13.09 12.31
C LYS A 94 7.39 -12.54 11.73
N ARG A 95 7.08 -11.26 11.99
CA ARG A 95 5.86 -10.68 11.49
C ARG A 95 5.82 -10.72 9.97
N GLU A 96 6.89 -10.23 9.34
CA GLU A 96 6.93 -10.19 7.87
C GLU A 96 6.88 -11.60 7.29
N VAL A 97 7.65 -12.53 7.87
CA VAL A 97 7.65 -13.91 7.39
C VAL A 97 6.26 -14.53 7.50
N LYS A 98 5.63 -14.39 8.66
CA LYS A 98 4.32 -15.03 8.84
C LYS A 98 3.28 -14.41 7.92
N ILE A 99 3.32 -13.08 7.75
CA ILE A 99 2.41 -12.41 6.82
C ILE A 99 2.60 -12.96 5.41
N LEU A 100 3.85 -13.06 4.96
CA LEU A 100 4.08 -13.58 3.61
C LEU A 100 3.60 -15.03 3.46
N GLU A 101 3.84 -15.87 4.47
N GLU A 101 3.80 -15.85 4.48
CA GLU A 101 3.29 -17.23 4.44
CA GLU A 101 3.32 -17.23 4.42
C GLU A 101 1.78 -17.19 4.27
C GLU A 101 1.79 -17.27 4.35
N ASN A 102 1.11 -16.37 5.08
CA ASN A 102 -0.34 -16.33 5.03
C ASN A 102 -0.85 -15.85 3.69
N LEU A 103 -0.08 -15.03 3.00
CA LEU A 103 -0.46 -14.47 1.71
C LEU A 103 -0.06 -15.36 0.53
N ARG A 104 0.49 -16.55 0.78
CA ARG A 104 0.98 -17.41 -0.28
C ARG A 104 -0.11 -17.66 -1.32
N GLY A 105 0.26 -17.45 -2.59
CA GLY A 105 -0.65 -17.63 -3.69
C GLY A 105 -1.53 -16.43 -3.97
N GLY A 106 -1.47 -15.38 -3.16
CA GLY A 106 -2.36 -14.25 -3.36
C GLY A 106 -2.08 -13.51 -4.65
N THR A 107 -3.16 -13.04 -5.26
CA THR A 107 -3.05 -12.42 -6.57
C THR A 107 -2.26 -11.12 -6.49
N ASN A 108 -1.20 -11.05 -7.27
CA ASN A 108 -0.38 -9.85 -7.41
C ASN A 108 0.37 -9.48 -6.13
N ILE A 109 0.46 -10.38 -5.19
CA ILE A 109 1.36 -10.22 -4.05
C ILE A 109 2.70 -10.84 -4.43
N ILE A 110 3.79 -10.16 -4.14
CA ILE A 110 5.09 -10.70 -4.49
C ILE A 110 5.22 -12.12 -3.95
N LYS A 111 5.71 -13.04 -4.79
CA LYS A 111 5.84 -14.44 -4.41
C LYS A 111 7.10 -14.63 -3.57
N LEU A 112 6.94 -15.10 -2.34
CA LEU A 112 8.05 -15.53 -1.51
C LEU A 112 8.42 -16.94 -1.91
N ILE A 113 9.62 -17.09 -2.42
CA ILE A 113 10.17 -18.39 -2.82
C ILE A 113 10.75 -19.11 -1.63
N ASP A 114 11.48 -18.44 -0.75
CA ASP A 114 12.03 -19.13 0.41
C ASP A 114 12.46 -18.11 1.45
N THR A 115 12.61 -18.61 2.66
CA THR A 115 13.17 -17.90 3.80
C THR A 115 14.50 -18.59 4.09
N VAL A 116 15.60 -17.85 4.00
CA VAL A 116 16.94 -18.43 4.10
C VAL A 116 17.80 -17.67 5.10
N LYS A 117 18.87 -18.32 5.55
CA LYS A 117 19.88 -17.68 6.36
C LYS A 117 21.27 -17.97 5.81
N ASP A 118 22.17 -16.99 5.95
CA ASP A 118 23.60 -17.26 5.87
C ASP A 118 23.88 -18.36 6.90
N PRO A 119 24.40 -19.53 6.50
CA PRO A 119 24.49 -20.65 7.45
C PRO A 119 25.51 -20.47 8.55
N VAL A 120 26.37 -19.46 8.45
CA VAL A 120 27.34 -19.15 9.48
C VAL A 120 26.89 -18.00 10.36
N SER A 121 26.56 -16.85 9.75
CA SER A 121 26.16 -15.70 10.54
C SER A 121 24.74 -15.82 11.05
N LYS A 122 23.91 -16.65 10.41
CA LYS A 122 22.48 -16.74 10.70
C LYS A 122 21.70 -15.49 10.36
N THR A 123 22.27 -14.55 9.58
CA THR A 123 21.50 -13.40 9.12
C THR A 123 20.39 -13.87 8.21
N PRO A 124 19.15 -13.48 8.47
CA PRO A 124 18.04 -13.94 7.64
C PRO A 124 17.86 -13.09 6.38
N ALA A 125 17.28 -13.74 5.38
CA ALA A 125 16.98 -13.11 4.10
C ALA A 125 15.74 -13.76 3.51
N LEU A 126 15.05 -12.98 2.70
CA LEU A 126 13.84 -13.41 2.03
C LEU A 126 14.13 -13.47 0.53
N VAL A 127 13.71 -14.56 -0.11
CA VAL A 127 13.93 -14.75 -1.54
C VAL A 127 12.60 -14.62 -2.24
N PHE A 128 12.50 -13.69 -3.18
CA PHE A 128 11.31 -13.38 -3.93
C PHE A 128 11.48 -13.65 -5.40
N GLU A 129 10.36 -13.85 -6.09
CA GLU A 129 10.38 -13.85 -7.54
C GLU A 129 10.92 -12.53 -8.06
N TYR A 130 11.59 -12.61 -9.21
CA TYR A 130 12.08 -11.45 -9.90
C TYR A 130 10.96 -10.81 -10.73
N ILE A 131 10.96 -9.47 -10.76
CA ILE A 131 10.11 -8.68 -11.63
C ILE A 131 11.01 -7.67 -12.33
N ASN A 132 10.87 -7.54 -13.65
CA ASN A 132 11.68 -6.60 -14.42
C ASN A 132 10.96 -5.25 -14.40
N ASN A 133 11.16 -4.52 -13.30
CA ASN A 133 10.44 -3.29 -12.97
C ASN A 133 10.87 -2.11 -13.83
N THR A 134 9.91 -1.29 -14.24
CA THR A 134 10.17 0.05 -14.76
C THR A 134 9.88 1.04 -13.65
N ASP A 135 10.88 1.84 -13.27
CA ASP A 135 10.70 2.78 -12.18
C ASP A 135 9.51 3.67 -12.48
N PHE A 136 8.70 3.93 -11.44
N PHE A 136 8.72 3.92 -11.46
CA PHE A 136 7.46 4.67 -11.62
CA PHE A 136 7.48 4.63 -11.65
C PHE A 136 7.69 6.03 -12.27
C PHE A 136 7.69 6.03 -12.23
N LYS A 137 8.80 6.69 -11.93
CA LYS A 137 8.97 8.07 -12.39
C LYS A 137 8.98 8.13 -13.89
N GLN A 138 9.55 7.14 -14.56
N GLN A 138 9.50 7.07 -14.52
CA GLN A 138 9.45 7.12 -16.02
CA GLN A 138 9.62 6.92 -15.97
C GLN A 138 8.04 6.73 -16.43
C GLN A 138 8.42 6.22 -16.61
N LEU A 139 7.53 5.66 -15.84
CA LEU A 139 6.33 5.05 -16.35
C LEU A 139 5.11 5.96 -16.27
N TYR A 140 4.97 6.72 -15.19
N TYR A 140 5.00 6.73 -15.20
CA TYR A 140 3.67 7.37 -14.99
CA TYR A 140 3.73 7.37 -14.89
C TYR A 140 3.35 8.31 -16.15
C TYR A 140 3.45 8.58 -15.80
N GLN A 141 4.38 8.90 -16.72
CA GLN A 141 4.18 9.93 -17.72
C GLN A 141 3.82 9.38 -19.09
N ILE A 142 3.83 8.06 -19.27
CA ILE A 142 3.54 7.44 -20.56
C ILE A 142 2.39 6.44 -20.51
N LEU A 143 1.70 6.34 -19.39
CA LEU A 143 0.57 5.42 -19.31
C LEU A 143 -0.62 5.94 -20.12
N THR A 144 -1.36 5.03 -20.76
CA THR A 144 -2.63 5.36 -21.38
C THR A 144 -3.74 5.26 -20.33
N ASP A 145 -4.93 5.73 -20.72
CA ASP A 145 -6.11 5.58 -19.88
C ASP A 145 -6.33 4.11 -19.51
N PHE A 146 -6.29 3.23 -20.49
CA PHE A 146 -6.50 1.82 -20.21
C PHE A 146 -5.40 1.28 -19.31
N ASP A 147 -4.13 1.69 -19.52
CA ASP A 147 -3.06 1.21 -18.67
C ASP A 147 -3.32 1.54 -17.21
N ILE A 148 -3.77 2.76 -16.93
CA ILE A 148 -4.01 3.17 -15.55
C ILE A 148 -5.11 2.31 -14.95
N ARG A 149 -6.20 2.13 -15.68
CA ARG A 149 -7.27 1.27 -15.20
C ARG A 149 -6.74 -0.13 -14.93
N PHE A 150 -5.96 -0.67 -15.88
CA PHE A 150 -5.43 -2.02 -15.73
C PHE A 150 -4.54 -2.15 -14.51
N TYR A 151 -3.56 -1.26 -14.35
CA TYR A 151 -2.63 -1.43 -13.23
C TYR A 151 -3.30 -1.16 -11.89
N MET A 152 -4.22 -0.19 -11.84
CA MET A 152 -4.95 0.03 -10.59
C MET A 152 -5.82 -1.17 -10.25
N TYR A 153 -6.43 -1.81 -11.24
CA TYR A 153 -7.21 -3.02 -10.98
C TYR A 153 -6.32 -4.12 -10.43
N GLU A 154 -5.15 -4.33 -11.04
CA GLU A 154 -4.23 -5.35 -10.58
C GLU A 154 -3.78 -5.08 -9.14
N LEU A 155 -3.47 -3.83 -8.81
CA LEU A 155 -3.06 -3.48 -7.46
C LEU A 155 -4.21 -3.70 -6.47
N LEU A 156 -5.42 -3.35 -6.87
CA LEU A 156 -6.59 -3.61 -6.04
C LEU A 156 -6.76 -5.09 -5.76
N LYS A 157 -6.45 -5.97 -6.72
CA LYS A 157 -6.55 -7.40 -6.43
C LYS A 157 -5.65 -7.78 -5.27
N ALA A 158 -4.44 -7.21 -5.23
CA ALA A 158 -3.50 -7.52 -4.16
C ALA A 158 -4.01 -7.01 -2.81
N LEU A 159 -4.57 -5.79 -2.79
CA LEU A 159 -5.07 -5.20 -1.56
C LEU A 159 -6.31 -5.92 -1.09
N ASP A 160 -7.27 -6.22 -1.98
CA ASP A 160 -8.41 -7.01 -1.53
C ASP A 160 -7.94 -8.33 -0.97
N TYR A 161 -6.95 -8.96 -1.61
CA TYR A 161 -6.48 -10.24 -1.10
C TYR A 161 -5.89 -10.09 0.30
N CYS A 162 -4.95 -9.16 0.49
CA CYS A 162 -4.35 -9.07 1.82
C CYS A 162 -5.34 -8.62 2.88
N HIS A 163 -6.24 -7.70 2.56
CA HIS A 163 -7.27 -7.30 3.51
C HIS A 163 -8.14 -8.51 3.87
N SER A 164 -8.49 -9.34 2.88
CA SER A 164 -9.31 -10.51 3.14
C SER A 164 -8.59 -11.51 4.02
N LYS A 165 -7.26 -11.47 4.01
CA LYS A 165 -6.40 -12.27 4.85
C LYS A 165 -6.05 -11.57 6.17
N GLY A 166 -6.79 -10.51 6.49
CA GLY A 166 -6.64 -9.87 7.78
C GLY A 166 -5.41 -9.02 7.92
N ILE A 167 -4.83 -8.55 6.81
CA ILE A 167 -3.54 -7.86 6.83
C ILE A 167 -3.67 -6.49 6.18
N MET A 168 -3.15 -5.47 6.87
CA MET A 168 -2.98 -4.12 6.34
C MET A 168 -1.54 -3.99 5.85
N HIS A 169 -1.34 -3.50 4.63
CA HIS A 169 0.02 -3.35 4.11
C HIS A 169 0.79 -2.22 4.81
N ARG A 170 0.14 -1.05 4.88
CA ARG A 170 0.62 0.13 5.60
C ARG A 170 1.80 0.84 4.95
N ASP A 171 2.16 0.47 3.74
CA ASP A 171 3.23 1.18 3.04
C ASP A 171 2.99 1.14 1.54
N VAL A 172 1.76 1.36 1.13
CA VAL A 172 1.44 1.39 -0.31
C VAL A 172 1.96 2.69 -0.90
N LYS A 173 2.74 2.58 -1.96
CA LYS A 173 3.38 3.69 -2.65
C LYS A 173 4.01 3.14 -3.92
N PRO A 174 4.31 4.01 -4.90
CA PRO A 174 4.93 3.51 -6.14
C PRO A 174 6.17 2.66 -5.92
N HIS A 175 7.04 3.06 -4.97
CA HIS A 175 8.27 2.31 -4.76
C HIS A 175 8.00 0.89 -4.28
N ASN A 176 6.81 0.58 -3.78
CA ASN A 176 6.44 -0.75 -3.37
C ASN A 176 5.51 -1.45 -4.33
N VAL A 177 5.37 -0.92 -5.54
CA VAL A 177 4.54 -1.54 -6.57
C VAL A 177 5.43 -1.77 -7.77
N MET A 178 5.89 -3.02 -7.96
CA MET A 178 6.76 -3.37 -9.07
C MET A 178 5.90 -3.62 -10.29
N ILE A 179 6.22 -2.94 -11.39
CA ILE A 179 5.44 -3.04 -12.63
C ILE A 179 6.40 -3.38 -13.76
N ASP A 180 6.20 -4.55 -14.35
CA ASP A 180 6.85 -4.92 -15.61
C ASP A 180 5.89 -4.45 -16.70
N HIS A 181 6.23 -3.34 -17.33
CA HIS A 181 5.34 -2.73 -18.32
C HIS A 181 5.43 -3.42 -19.67
N GLN A 182 6.39 -4.32 -19.85
CA GLN A 182 6.44 -5.09 -21.08
C GLN A 182 5.53 -6.29 -21.00
N GLN A 183 5.61 -7.04 -19.90
CA GLN A 183 4.78 -8.22 -19.69
C GLN A 183 3.45 -7.91 -19.01
N LYS A 184 3.23 -6.67 -18.60
CA LYS A 184 2.02 -6.25 -17.88
C LYS A 184 1.83 -7.09 -16.60
N LYS A 185 2.85 -7.09 -15.75
CA LYS A 185 2.87 -7.84 -14.50
C LYS A 185 3.06 -6.82 -13.40
N LEU A 186 2.27 -6.92 -12.35
CA LEU A 186 2.36 -6.03 -11.21
C LEU A 186 2.46 -6.85 -9.94
N ARG A 187 3.34 -6.44 -9.02
CA ARG A 187 3.44 -7.07 -7.71
C ARG A 187 3.57 -6.02 -6.61
N LEU A 188 2.82 -6.22 -5.52
CA LEU A 188 2.93 -5.43 -4.31
C LEU A 188 4.01 -6.06 -3.43
N ILE A 189 5.05 -5.29 -3.14
CA ILE A 189 6.22 -5.73 -2.41
C ILE A 189 6.28 -5.04 -1.04
N ASP A 190 7.33 -5.40 -0.30
CA ASP A 190 7.74 -4.85 0.99
C ASP A 190 6.65 -4.86 2.04
N TRP A 191 6.47 -6.04 2.60
CA TRP A 191 5.50 -6.34 3.64
C TRP A 191 6.11 -6.16 5.03
N GLY A 192 7.23 -5.45 5.13
CA GLY A 192 7.89 -5.25 6.41
C GLY A 192 7.19 -4.34 7.39
N LEU A 193 6.25 -3.52 6.93
CA LEU A 193 5.44 -2.68 7.81
C LEU A 193 4.02 -3.24 7.99
N ALA A 194 3.70 -4.33 7.33
CA ALA A 194 2.34 -4.86 7.36
C ALA A 194 2.01 -5.37 8.75
N GLU A 195 0.72 -5.32 9.10
N GLU A 195 0.71 -5.41 9.05
CA GLU A 195 0.24 -5.80 10.38
CA GLU A 195 0.27 -5.80 10.37
C GLU A 195 -1.07 -6.53 10.21
C GLU A 195 -1.11 -6.42 10.28
N PHE A 196 -1.39 -7.31 11.22
CA PHE A 196 -2.70 -7.96 11.34
C PHE A 196 -3.70 -6.99 11.95
N TYR A 197 -4.89 -6.92 11.33
CA TYR A 197 -5.98 -6.10 11.84
C TYR A 197 -6.80 -6.86 12.88
N HIS A 198 -7.01 -6.24 14.04
CA HIS A 198 -7.86 -6.75 15.09
C HIS A 198 -8.75 -5.60 15.52
N PRO A 199 -10.06 -5.82 15.62
CA PRO A 199 -10.97 -4.69 15.91
C PRO A 199 -10.64 -4.05 17.24
N ALA A 200 -10.66 -2.72 17.24
CA ALA A 200 -10.42 -1.88 18.40
C ALA A 200 -8.94 -1.80 18.77
N GLN A 201 -8.06 -2.49 18.05
CA GLN A 201 -6.63 -2.38 18.36
C GLN A 201 -6.12 -1.02 17.94
N GLU A 202 -5.26 -0.43 18.77
CA GLU A 202 -4.57 0.79 18.43
C GLU A 202 -3.21 0.49 17.82
N TYR A 203 -2.95 1.13 16.70
CA TYR A 203 -1.76 0.89 15.91
C TYR A 203 -0.88 2.13 15.86
N ASN A 204 0.39 1.89 15.60
CA ASN A 204 1.35 2.97 15.47
C ASN A 204 1.04 3.78 14.22
N VAL A 205 0.96 5.11 14.38
CA VAL A 205 0.69 5.95 13.21
C VAL A 205 1.94 6.24 12.42
N ARG A 206 3.12 5.86 12.89
CA ARG A 206 4.40 6.08 12.17
C ARG A 206 4.63 4.95 11.18
N VAL A 207 3.72 4.90 10.20
CA VAL A 207 3.77 3.96 9.10
C VAL A 207 3.52 4.75 7.83
N ALA A 208 3.77 4.11 6.68
CA ALA A 208 3.63 4.69 5.34
C ALA A 208 4.62 5.81 5.01
N SER A 209 4.85 6.07 3.75
CA SER A 209 5.66 7.23 3.35
C SER A 209 4.84 8.47 3.53
N ARG A 210 5.49 9.57 3.88
CA ARG A 210 4.82 10.84 4.08
C ARG A 210 3.69 11.08 3.06
N TYR A 211 4.03 10.97 1.78
CA TYR A 211 3.10 11.42 0.75
C TYR A 211 1.88 10.55 0.64
N PHE A 212 1.93 9.36 1.22
CA PHE A 212 0.89 8.34 1.11
C PHE A 212 0.20 8.08 2.44
N LYS A 213 0.54 8.85 3.47
CA LYS A 213 -0.09 8.71 4.77
C LYS A 213 -1.52 9.24 4.72
N GLY A 214 -2.47 8.45 5.22
CA GLY A 214 -3.83 8.92 5.33
C GLY A 214 -3.98 9.97 6.39
N PRO A 215 -5.03 10.79 6.28
CA PRO A 215 -5.25 11.82 7.30
C PRO A 215 -5.31 11.26 8.70
N GLU A 216 -5.85 10.05 8.88
CA GLU A 216 -5.90 9.43 10.19
C GLU A 216 -4.51 9.35 10.83
N LEU A 217 -3.48 9.02 10.05
CA LEU A 217 -2.14 8.95 10.60
C LEU A 217 -1.66 10.33 10.98
N LEU A 218 -1.94 11.30 10.12
CA LEU A 218 -1.44 12.66 10.29
C LEU A 218 -2.06 13.36 11.49
N VAL A 219 -3.25 12.93 11.91
CA VAL A 219 -3.91 13.47 13.10
C VAL A 219 -3.79 12.53 14.30
N ASP A 220 -2.91 11.54 14.22
CA ASP A 220 -2.59 10.68 15.35
C ASP A 220 -3.77 9.83 15.81
N TYR A 221 -4.60 9.39 14.85
CA TYR A 221 -5.71 8.49 15.16
C TYR A 221 -5.23 7.05 14.99
N GLN A 222 -5.15 6.34 16.10
CA GLN A 222 -4.52 5.02 16.11
C GLN A 222 -5.46 3.87 15.78
N MET A 223 -6.77 4.08 15.81
N MET A 223 -6.77 4.12 15.78
CA MET A 223 -7.71 2.98 15.61
CA MET A 223 -7.79 3.09 15.58
C MET A 223 -8.11 2.86 14.14
C MET A 223 -8.13 2.92 14.11
N TYR A 224 -7.09 2.76 13.28
CA TYR A 224 -7.25 2.69 11.84
C TYR A 224 -7.36 1.23 11.38
N ASP A 225 -7.56 1.06 10.07
CA ASP A 225 -7.82 -0.27 9.54
C ASP A 225 -7.33 -0.35 8.08
N TYR A 226 -7.78 -1.37 7.35
CA TYR A 226 -7.41 -1.60 5.96
C TYR A 226 -7.61 -0.37 5.11
N SER A 227 -8.58 0.48 5.47
CA SER A 227 -8.88 1.68 4.70
C SER A 227 -7.70 2.64 4.59
N LEU A 228 -6.70 2.54 5.47
CA LEU A 228 -5.48 3.32 5.31
C LEU A 228 -4.85 3.06 3.94
N ASP A 229 -4.83 1.78 3.53
CA ASP A 229 -4.22 1.41 2.25
C ASP A 229 -5.02 1.98 1.09
N MET A 230 -6.33 2.16 1.27
CA MET A 230 -7.19 2.71 0.22
C MET A 230 -6.95 4.20 0.03
N TRP A 231 -6.61 4.93 1.08
CA TRP A 231 -6.10 6.30 0.91
C TRP A 231 -4.85 6.30 0.04
N SER A 232 -3.88 5.47 0.40
CA SER A 232 -2.63 5.43 -0.34
C SER A 232 -2.88 5.07 -1.80
N LEU A 233 -3.77 4.12 -2.08
N LEU A 233 -3.77 4.10 -2.04
CA LEU A 233 -4.07 3.78 -3.46
CA LEU A 233 -4.17 3.72 -3.39
C LEU A 233 -4.75 4.94 -4.16
C LEU A 233 -4.74 4.92 -4.13
N GLY A 234 -5.65 5.66 -3.47
CA GLY A 234 -6.21 6.86 -4.06
C GLY A 234 -5.14 7.88 -4.43
N CYS A 235 -4.13 8.04 -3.58
CA CYS A 235 -3.04 8.96 -3.91
C CYS A 235 -2.32 8.53 -5.18
N MET A 236 -2.10 7.21 -5.35
CA MET A 236 -1.49 6.71 -6.56
C MET A 236 -2.38 6.94 -7.77
N LEU A 237 -3.68 6.65 -7.66
CA LEU A 237 -4.61 6.90 -8.75
C LEU A 237 -4.57 8.37 -9.18
N ALA A 238 -4.63 9.27 -8.21
CA ALA A 238 -4.58 10.71 -8.52
C ALA A 238 -3.30 11.05 -9.27
N SER A 239 -2.17 10.51 -8.82
CA SER A 239 -0.91 10.83 -9.48
C SER A 239 -0.88 10.35 -10.91
N MET A 240 -1.53 9.21 -11.17
N MET A 240 -1.56 9.24 -11.20
CA MET A 240 -1.54 8.66 -12.52
CA MET A 240 -1.53 8.68 -12.54
C MET A 240 -2.47 9.46 -13.44
C MET A 240 -2.48 9.40 -13.48
N ILE A 241 -3.73 9.65 -13.04
CA ILE A 241 -4.67 10.32 -13.93
C ILE A 241 -4.34 11.78 -14.12
N PHE A 242 -3.74 12.42 -13.11
CA PHE A 242 -3.43 13.85 -13.21
C PHE A 242 -2.00 14.13 -13.60
N ARG A 243 -1.11 13.14 -13.51
N ARG A 243 -1.11 13.14 -13.45
CA ARG A 243 0.31 13.33 -13.81
CA ARG A 243 0.32 13.21 -13.78
C ARG A 243 0.96 14.34 -12.87
C ARG A 243 1.12 14.07 -12.81
N ARG A 244 0.64 14.23 -11.58
CA ARG A 244 1.33 14.95 -10.53
C ARG A 244 1.75 13.92 -9.50
N GLU A 245 3.06 13.64 -9.43
CA GLU A 245 3.58 12.57 -8.62
C GLU A 245 4.71 13.09 -7.74
N PRO A 246 4.63 12.91 -6.40
CA PRO A 246 3.45 12.47 -5.67
C PRO A 246 2.36 13.54 -5.76
N PHE A 247 1.12 13.10 -5.51
CA PHE A 247 0.00 14.00 -5.66
C PHE A 247 -0.06 15.03 -4.54
N PHE A 248 0.14 14.59 -3.29
CA PHE A 248 0.15 15.47 -2.13
C PHE A 248 1.59 15.51 -1.61
N HIS A 249 2.29 16.62 -1.86
CA HIS A 249 3.73 16.67 -1.65
C HIS A 249 4.09 17.52 -0.43
N GLY A 250 3.84 16.98 0.74
CA GLY A 250 4.16 17.72 1.96
C GLY A 250 5.64 17.83 2.24
N GLN A 251 6.02 18.89 2.95
CA GLN A 251 7.41 19.09 3.36
C GLN A 251 7.76 18.36 4.65
N ASP A 252 6.76 18.01 5.44
CA ASP A 252 6.88 17.27 6.69
C ASP A 252 5.47 16.76 6.98
N ASN A 253 5.29 16.05 8.10
CA ASN A 253 3.98 15.44 8.35
C ASN A 253 2.91 16.47 8.63
N TYR A 254 3.29 17.63 9.19
CA TYR A 254 2.30 18.68 9.42
C TYR A 254 1.86 19.26 8.08
N ASP A 255 2.83 19.66 7.27
CA ASP A 255 2.52 20.22 5.97
C ASP A 255 1.78 19.22 5.08
N GLN A 256 2.00 17.92 5.26
CA GLN A 256 1.27 16.93 4.49
C GLN A 256 -0.23 17.08 4.70
N LEU A 257 -0.67 17.26 5.95
CA LEU A 257 -2.10 17.44 6.17
C LEU A 257 -2.59 18.76 5.59
N VAL A 258 -1.79 19.81 5.66
CA VAL A 258 -2.17 21.08 5.05
C VAL A 258 -2.41 20.89 3.55
N ARG A 259 -1.51 20.16 2.88
CA ARG A 259 -1.68 19.94 1.45
C ARG A 259 -2.97 19.20 1.15
N ILE A 260 -3.32 18.22 1.98
CA ILE A 260 -4.57 17.51 1.82
C ILE A 260 -5.75 18.46 2.03
N ALA A 261 -5.68 19.27 3.10
CA ALA A 261 -6.81 20.13 3.45
C ALA A 261 -7.05 21.22 2.41
N LYS A 262 -6.01 21.64 1.69
CA LYS A 262 -6.20 22.61 0.62
C LYS A 262 -6.99 22.05 -0.53
N VAL A 263 -7.14 20.74 -0.62
CA VAL A 263 -7.96 20.07 -1.62
C VAL A 263 -9.30 19.63 -1.05
N LEU A 264 -9.27 18.87 0.04
N LEU A 264 -9.29 18.87 0.05
CA LEU A 264 -10.49 18.29 0.61
CA LEU A 264 -10.51 18.31 0.61
C LEU A 264 -11.28 19.28 1.45
C LEU A 264 -11.27 19.27 1.51
N GLY A 265 -10.67 20.37 1.92
CA GLY A 265 -11.34 21.40 2.68
C GLY A 265 -11.09 21.30 4.18
N THR A 266 -11.04 22.45 4.85
CA THR A 266 -10.79 22.48 6.29
C THR A 266 -12.04 22.21 7.12
N GLU A 267 -13.20 22.74 6.74
CA GLU A 267 -14.41 22.43 7.50
C GLU A 267 -14.71 20.94 7.42
N GLU A 268 -14.41 20.35 6.28
CA GLU A 268 -14.60 18.92 6.10
C GLU A 268 -13.65 18.11 7.00
N LEU A 269 -12.42 18.58 7.16
CA LEU A 269 -11.50 17.95 8.12
C LEU A 269 -12.07 18.01 9.53
N TYR A 270 -12.58 19.18 9.94
CA TYR A 270 -13.06 19.33 11.31
C TYR A 270 -14.27 18.44 11.59
N GLY A 271 -15.14 18.24 10.58
CA GLY A 271 -16.25 17.31 10.75
C GLY A 271 -15.80 15.88 10.96
N TYR A 272 -14.74 15.48 10.25
CA TYR A 272 -14.15 14.16 10.43
C TYR A 272 -13.60 14.01 11.85
N LEU A 273 -12.83 15.01 12.30
CA LEU A 273 -12.26 14.95 13.64
C LEU A 273 -13.37 14.86 14.70
N LYS A 274 -14.43 15.63 14.52
N LYS A 274 -14.43 15.63 14.50
CA LYS A 274 -15.51 15.64 15.51
CA LYS A 274 -15.51 15.64 15.48
C LYS A 274 -16.23 14.29 15.54
C LYS A 274 -16.20 14.28 15.54
N LYS A 275 -16.41 13.67 14.38
CA LYS A 275 -17.12 12.39 14.33
C LYS A 275 -16.41 11.33 15.15
N TYR A 276 -15.08 11.29 15.07
CA TYR A 276 -14.27 10.25 15.71
C TYR A 276 -13.64 10.74 17.01
N HIS A 277 -14.01 11.93 17.46
CA HIS A 277 -13.49 12.47 18.72
C HIS A 277 -11.97 12.53 18.70
N ILE A 278 -11.42 13.02 17.59
CA ILE A 278 -9.98 13.07 17.39
C ILE A 278 -9.43 14.39 17.87
N ASP A 279 -8.38 14.31 18.68
CA ASP A 279 -7.69 15.49 19.17
C ASP A 279 -6.65 15.95 18.16
N LEU A 280 -6.68 17.21 17.84
CA LEU A 280 -5.79 17.80 16.87
C LEU A 280 -4.62 18.50 17.56
N ASP A 281 -3.41 18.08 17.20
CA ASP A 281 -2.20 18.71 17.70
C ASP A 281 -2.27 20.21 17.44
N PRO A 282 -2.09 21.04 18.46
CA PRO A 282 -2.30 22.49 18.27
C PRO A 282 -1.26 23.14 17.37
N HIS A 283 -0.17 22.47 17.01
CA HIS A 283 0.69 23.08 16.01
C HIS A 283 -0.03 23.31 14.68
N PHE A 284 -1.07 22.52 14.40
CA PHE A 284 -1.83 22.73 13.17
C PHE A 284 -2.56 24.06 13.16
N ASN A 285 -2.78 24.66 14.33
CA ASN A 285 -3.62 25.85 14.40
C ASN A 285 -3.01 26.99 13.60
N ASP A 286 -1.69 27.04 13.52
CA ASP A 286 -0.95 28.11 12.88
C ASP A 286 -0.78 27.91 11.39
N ILE A 287 -1.10 26.72 10.86
CA ILE A 287 -0.73 26.38 9.48
C ILE A 287 -1.89 25.92 8.62
N LEU A 288 -3.01 25.44 9.16
CA LEU A 288 -4.07 24.87 8.32
C LEU A 288 -4.79 25.94 7.50
N GLY A 289 -4.99 27.13 8.06
CA GLY A 289 -5.75 28.14 7.36
C GLY A 289 -7.20 27.73 7.13
N GLN A 290 -7.81 28.32 6.11
CA GLN A 290 -9.22 28.08 5.80
C GLN A 290 -9.30 27.82 4.32
N HIS A 291 -9.82 26.65 3.94
CA HIS A 291 -9.81 26.22 2.55
C HIS A 291 -11.13 25.54 2.22
N SER A 292 -11.73 25.95 1.11
N SER A 292 -11.73 25.96 1.11
CA SER A 292 -12.94 25.28 0.63
CA SER A 292 -12.88 25.27 0.59
C SER A 292 -12.56 24.00 -0.09
C SER A 292 -12.47 23.90 0.06
N ARG A 293 -13.45 23.01 -0.01
CA ARG A 293 -13.26 21.78 -0.76
C ARG A 293 -13.23 22.12 -2.25
N LYS A 294 -12.26 21.56 -2.96
CA LYS A 294 -12.07 21.79 -4.38
C LYS A 294 -12.71 20.71 -5.22
N ARG A 295 -13.22 21.11 -6.38
CA ARG A 295 -13.67 20.15 -7.36
C ARG A 295 -12.47 19.44 -7.98
N TRP A 296 -12.60 18.11 -8.15
CA TRP A 296 -11.49 17.32 -8.71
C TRP A 296 -11.20 17.73 -10.15
N GLU A 297 -12.20 18.28 -10.84
CA GLU A 297 -11.98 18.77 -12.19
C GLU A 297 -10.96 19.89 -12.25
N ASN A 298 -10.67 20.57 -11.14
CA ASN A 298 -9.68 21.64 -11.10
C ASN A 298 -8.29 21.15 -11.45
N PHE A 299 -8.05 19.84 -11.38
CA PHE A 299 -6.73 19.29 -11.66
C PHE A 299 -6.54 18.92 -13.10
N ILE A 300 -7.59 19.02 -13.92
CA ILE A 300 -7.52 18.70 -15.34
C ILE A 300 -6.88 19.85 -16.11
N HIS A 301 -5.97 19.51 -17.00
CA HIS A 301 -5.45 20.48 -17.97
C HIS A 301 -5.02 19.71 -19.22
N SER A 302 -4.47 20.43 -20.20
CA SER A 302 -4.27 19.79 -21.50
C SER A 302 -3.37 18.58 -21.41
N GLU A 303 -2.41 18.55 -20.45
CA GLU A 303 -1.47 17.44 -20.39
C GLU A 303 -2.07 16.15 -19.84
N ASN A 304 -3.18 16.21 -19.11
CA ASN A 304 -3.76 15.01 -18.52
C ASN A 304 -5.20 14.76 -18.94
N ARG A 305 -5.77 15.58 -19.82
CA ARG A 305 -7.20 15.52 -20.04
C ARG A 305 -7.63 14.14 -20.57
N HIS A 306 -6.80 13.51 -21.39
CA HIS A 306 -7.12 12.22 -22.01
C HIS A 306 -7.16 11.08 -21.01
N LEU A 307 -6.73 11.30 -19.77
CA LEU A 307 -6.72 10.27 -18.74
C LEU A 307 -7.88 10.41 -17.75
N VAL A 308 -8.64 11.49 -17.84
CA VAL A 308 -9.59 11.85 -16.81
C VAL A 308 -11.02 11.77 -17.35
N SER A 309 -11.77 10.77 -16.94
CA SER A 309 -13.16 10.57 -17.28
C SER A 309 -14.04 10.87 -16.08
N PRO A 310 -15.35 10.98 -16.29
CA PRO A 310 -16.25 11.09 -15.12
C PRO A 310 -16.10 9.92 -14.18
N GLU A 311 -15.89 8.72 -14.72
CA GLU A 311 -15.73 7.54 -13.88
C GLU A 311 -14.48 7.65 -13.02
N ALA A 312 -13.37 8.10 -13.61
CA ALA A 312 -12.14 8.26 -12.83
C ALA A 312 -12.34 9.20 -11.68
N LEU A 313 -13.00 10.33 -11.93
CA LEU A 313 -13.20 11.34 -10.89
C LEU A 313 -14.14 10.83 -9.81
N ASP A 314 -15.20 10.10 -10.17
CA ASP A 314 -16.11 9.56 -9.19
C ASP A 314 -15.41 8.57 -8.29
N LEU A 315 -14.61 7.68 -8.87
CA LEU A 315 -13.83 6.75 -8.08
C LEU A 315 -12.88 7.48 -7.16
N LEU A 316 -12.12 8.42 -7.69
CA LEU A 316 -11.12 9.11 -6.89
C LEU A 316 -11.78 9.81 -5.70
N ASP A 317 -12.92 10.47 -5.95
CA ASP A 317 -13.64 11.17 -4.90
C ASP A 317 -14.04 10.27 -3.76
N LYS A 318 -14.27 8.99 -4.06
CA LYS A 318 -14.69 8.01 -3.08
C LYS A 318 -13.54 7.30 -2.37
N LEU A 319 -12.31 7.55 -2.80
CA LEU A 319 -11.11 7.04 -2.17
C LEU A 319 -10.43 8.10 -1.31
N LEU A 320 -10.23 9.29 -1.87
CA LEU A 320 -9.58 10.41 -1.17
C LEU A 320 -10.63 11.17 -0.37
N ARG A 321 -11.06 10.52 0.71
N ARG A 321 -11.10 10.52 0.69
CA ARG A 321 -12.02 11.02 1.68
CA ARG A 321 -12.04 11.10 1.65
C ARG A 321 -11.35 11.02 3.03
C ARG A 321 -11.42 11.02 3.02
N TYR A 322 -11.61 12.07 3.83
CA TYR A 322 -11.09 12.05 5.20
C TYR A 322 -11.60 10.83 5.96
N ASP A 323 -12.91 10.57 5.88
CA ASP A 323 -13.57 9.58 6.71
C ASP A 323 -13.17 8.20 6.22
N HIS A 324 -12.25 7.58 6.97
CA HIS A 324 -11.70 6.29 6.56
C HIS A 324 -12.79 5.24 6.40
N GLN A 325 -13.86 5.30 7.23
N GLN A 325 -13.85 5.33 7.19
CA GLN A 325 -14.97 4.36 7.13
CA GLN A 325 -14.92 4.35 7.14
C GLN A 325 -15.73 4.51 5.82
C GLN A 325 -15.86 4.57 5.96
N GLN A 326 -15.79 5.72 5.28
CA GLN A 326 -16.60 5.98 4.10
C GLN A 326 -15.84 5.75 2.81
N ARG A 327 -14.52 5.61 2.87
CA ARG A 327 -13.76 5.26 1.67
C ARG A 327 -14.24 3.92 1.12
N LEU A 328 -14.17 3.76 -0.19
CA LEU A 328 -14.41 2.45 -0.77
C LEU A 328 -13.43 1.44 -0.22
N THR A 329 -13.92 0.22 -0.01
CA THR A 329 -13.06 -0.94 0.19
C THR A 329 -12.37 -1.30 -1.13
N ALA A 330 -11.33 -2.13 -1.05
CA ALA A 330 -10.67 -2.55 -2.29
C ALA A 330 -11.66 -3.23 -3.23
N LYS A 331 -12.54 -4.07 -2.69
CA LYS A 331 -13.55 -4.75 -3.49
C LYS A 331 -14.54 -3.77 -4.11
N GLU A 332 -15.04 -2.82 -3.32
CA GLU A 332 -15.97 -1.82 -3.86
C GLU A 332 -15.29 -1.03 -4.98
N ALA A 333 -14.01 -0.70 -4.80
CA ALA A 333 -13.28 0.00 -5.85
C ALA A 333 -13.18 -0.86 -7.11
N MET A 334 -12.84 -2.14 -6.95
N MET A 334 -12.81 -2.13 -6.97
CA MET A 334 -12.78 -3.05 -8.10
CA MET A 334 -12.68 -2.98 -8.15
C MET A 334 -14.10 -3.13 -8.84
C MET A 334 -13.98 -3.08 -8.93
N GLU A 335 -15.21 -2.98 -8.12
N GLU A 335 -15.10 -2.98 -8.25
CA GLU A 335 -16.53 -3.07 -8.69
CA GLU A 335 -16.41 -3.12 -8.86
C GLU A 335 -16.97 -1.78 -9.39
C GLU A 335 -16.99 -1.78 -9.33
N HIS A 336 -16.20 -0.71 -9.25
CA HIS A 336 -16.62 0.58 -9.79
C HIS A 336 -16.61 0.56 -11.32
N PRO A 337 -17.52 1.30 -11.96
CA PRO A 337 -17.51 1.37 -13.43
C PRO A 337 -16.20 1.75 -14.08
N TYR A 338 -15.32 2.49 -13.42
CA TYR A 338 -14.04 2.84 -14.01
C TYR A 338 -13.30 1.60 -14.51
N PHE A 339 -13.47 0.47 -13.84
CA PHE A 339 -12.77 -0.74 -14.22
C PHE A 339 -13.54 -1.64 -15.18
N TYR A 340 -14.74 -1.26 -15.59
CA TYR A 340 -15.49 -2.11 -16.52
C TYR A 340 -14.69 -2.44 -17.78
N PRO A 341 -13.97 -1.50 -18.41
CA PRO A 341 -13.20 -1.88 -19.60
C PRO A 341 -12.16 -2.95 -19.33
N VAL A 342 -11.58 -2.96 -18.13
CA VAL A 342 -10.58 -3.97 -17.77
C VAL A 342 -11.23 -5.33 -17.56
N VAL A 343 -12.34 -5.35 -16.83
CA VAL A 343 -13.06 -6.60 -16.60
C VAL A 343 -13.47 -7.20 -17.92
N LYS A 344 -13.99 -6.39 -18.83
CA LYS A 344 -14.40 -6.91 -20.12
C LYS A 344 -13.22 -7.54 -20.87
N GLU A 345 -12.05 -6.91 -20.82
CA GLU A 345 -10.89 -7.45 -21.51
C GLU A 345 -10.41 -8.77 -20.88
N GLN A 346 -10.44 -8.86 -19.54
N GLN A 346 -10.42 -8.88 -19.56
CA GLN A 346 -10.04 -10.06 -18.79
CA GLN A 346 -9.94 -10.13 -18.98
C GLN A 346 -11.12 -11.14 -18.80
C GLN A 346 -10.93 -11.27 -19.15
N SER A 347 -12.14 -11.00 -19.64
CA SER A 347 -13.17 -12.02 -19.81
C SER A 347 -13.27 -12.44 -21.27
#